data_2H0J
#
_entry.id   2H0J
#
_cell.length_a   72.956
_cell.length_b   72.956
_cell.length_c   145.127
_cell.angle_alpha   90.000
_cell.angle_beta   90.000
_cell.angle_gamma   90.000
#
_symmetry.space_group_name_H-M   'P 42 2 2'
#
loop_
_entity.id
_entity.type
_entity.pdbx_description
1 polymer 'Transthyretin-like protein pucM'
2 non-polymer 5,6-DIAMINOPYRIMIDINE-2,4(1H,3H)-DIONE
3 water water
#
_entity_poly.entity_id   1
_entity_poly.type   'polypeptide(L)'
_entity_poly.pdbx_seq_one_letter_code
;(MSE)SEPESL(MSE)GKLTTHILDLTCGKPAANVKIGLKRLGESI(MSE)KEVYTNNDGRVDVPLLAGEEL(MSE)SGE
YV(MSE)EFHAGDYFASKN(MSE)NAADQPFLTIVTVRFQLADPDAHYHIPLLLSPFGYQVYRGS
;
_entity_poly.pdbx_strand_id   A,B
#
# COMPACT_ATOMS: atom_id res chain seq x y z
N GLY A 9 -21.13 -17.63 3.56
CA GLY A 9 -20.97 -16.60 4.56
C GLY A 9 -20.40 -15.33 3.95
N LYS A 10 -20.29 -14.27 4.74
CA LYS A 10 -19.78 -13.01 4.24
C LYS A 10 -19.12 -12.19 5.32
N LEU A 11 -18.06 -11.46 4.95
CA LEU A 11 -17.34 -10.57 5.86
C LEU A 11 -17.24 -9.19 5.23
N THR A 12 -17.89 -8.21 5.84
CA THR A 12 -17.86 -6.84 5.32
C THR A 12 -17.29 -5.96 6.40
N THR A 13 -16.97 -4.73 6.03
CA THR A 13 -16.44 -3.79 7.00
C THR A 13 -17.04 -2.41 6.74
N HIS A 14 -16.49 -1.37 7.36
CA HIS A 14 -17.02 -0.02 7.20
C HIS A 14 -16.23 0.94 8.09
N ILE A 15 -15.80 2.06 7.53
CA ILE A 15 -15.03 3.03 8.32
C ILE A 15 -15.67 4.42 8.44
N LEU A 16 -15.80 4.92 9.66
CA LEU A 16 -16.38 6.24 9.90
C LEU A 16 -15.33 7.14 10.53
N ASP A 17 -15.13 8.31 9.94
CA ASP A 17 -14.17 9.28 10.45
C ASP A 17 -14.94 10.13 11.48
N LEU A 18 -14.79 9.80 12.75
CA LEU A 18 -15.47 10.51 13.82
C LEU A 18 -15.02 11.93 14.04
N THR A 19 -14.10 12.40 13.22
CA THR A 19 -13.63 13.77 13.35
C THR A 19 -14.37 14.68 12.39
N CYS A 20 -14.72 14.16 11.22
CA CYS A 20 -15.44 14.94 10.24
C CYS A 20 -16.89 14.46 10.16
N GLY A 21 -17.17 13.34 10.80
CA GLY A 21 -18.52 12.80 10.78
C GLY A 21 -18.91 12.26 9.42
N LYS A 22 -17.92 11.92 8.61
CA LYS A 22 -18.17 11.40 7.27
C LYS A 22 -17.42 10.09 7.06
N PRO A 23 -17.91 9.24 6.16
CA PRO A 23 -17.22 7.97 5.93
C PRO A 23 -15.80 8.23 5.47
N ALA A 24 -14.86 7.43 5.96
CA ALA A 24 -13.45 7.58 5.59
C ALA A 24 -13.24 6.81 4.30
N ALA A 25 -12.89 7.53 3.23
CA ALA A 25 -12.70 6.90 1.93
C ALA A 25 -11.26 6.82 1.44
N ASN A 26 -11.02 5.81 0.61
CA ASN A 26 -9.71 5.59 0.04
C ASN A 26 -8.69 5.23 1.11
N VAL A 27 -9.18 4.59 2.17
CA VAL A 27 -8.31 4.14 3.25
C VAL A 27 -7.95 2.73 2.86
N LYS A 28 -6.66 2.42 2.88
CA LYS A 28 -6.18 1.09 2.52
C LYS A 28 -6.54 0.07 3.60
N ILE A 29 -7.01 -1.10 3.20
CA ILE A 29 -7.35 -2.14 4.15
C ILE A 29 -6.68 -3.45 3.79
N GLY A 30 -5.78 -3.92 4.63
CA GLY A 30 -5.12 -5.18 4.34
C GLY A 30 -5.86 -6.28 5.08
N LEU A 31 -6.00 -7.43 4.44
CA LEU A 31 -6.67 -8.56 5.09
C LEU A 31 -5.68 -9.71 5.03
N LYS A 32 -5.64 -10.51 6.08
CA LYS A 32 -4.72 -11.66 6.12
C LYS A 32 -5.16 -12.69 7.15
N ARG A 33 -4.92 -13.95 6.84
CA ARG A 33 -5.23 -15.05 7.72
C ARG A 33 -4.26 -14.96 8.86
N LEU A 34 -4.62 -15.50 10.02
CA LEU A 34 -3.74 -15.47 11.16
C LEU A 34 -2.46 -16.23 10.77
N GLY A 35 -1.31 -15.62 11.04
CA GLY A 35 -0.05 -16.28 10.71
C GLY A 35 0.48 -15.93 9.33
N GLU A 36 -0.41 -15.83 8.36
CA GLU A 36 -0.01 -15.52 6.99
C GLU A 36 0.27 -14.04 6.79
N SER A 37 0.48 -13.68 5.53
CA SER A 37 0.76 -12.30 5.17
C SER A 37 -0.39 -11.84 4.29
N ILE A 38 -0.41 -10.55 3.98
CA ILE A 38 -1.48 -9.98 3.15
C ILE A 38 -1.95 -10.93 2.06
N LYS A 40 -5.11 -9.85 0.50
CA LYS A 40 -5.97 -8.91 -0.20
C LYS A 40 -5.64 -7.52 0.27
N GLU A 41 -5.84 -6.54 -0.61
CA GLU A 41 -5.58 -5.17 -0.28
C GLU A 41 -6.59 -4.33 -1.00
N VAL A 42 -7.53 -3.78 -0.24
CA VAL A 42 -8.58 -2.98 -0.80
C VAL A 42 -8.56 -1.54 -0.35
N TYR A 43 -9.14 -0.67 -1.17
CA TYR A 43 -9.23 0.75 -0.83
C TYR A 43 -10.72 1.09 -0.80
N THR A 44 -11.19 1.66 0.31
CA THR A 44 -12.60 2.01 0.45
C THR A 44 -13.08 3.11 -0.48
N ASN A 45 -14.35 2.98 -0.89
CA ASN A 45 -14.96 3.96 -1.75
C ASN A 45 -15.45 5.15 -0.92
N ASN A 46 -16.26 6.00 -1.53
CA ASN A 46 -16.77 7.19 -0.85
C ASN A 46 -17.68 6.92 0.33
N ASP A 47 -18.43 5.82 0.30
CA ASP A 47 -19.31 5.51 1.42
C ASP A 47 -18.49 4.86 2.53
N GLY A 48 -17.17 4.76 2.30
CA GLY A 48 -16.29 4.17 3.29
C GLY A 48 -16.43 2.67 3.41
N ARG A 49 -16.73 2.02 2.27
CA ARG A 49 -16.90 0.58 2.22
C ARG A 49 -16.18 0.03 1.00
N VAL A 50 -16.36 -1.26 0.73
CA VAL A 50 -15.76 -1.87 -0.43
C VAL A 50 -16.88 -2.52 -1.22
N ASP A 51 -16.93 -2.26 -2.52
CA ASP A 51 -17.96 -2.81 -3.41
C ASP A 51 -18.22 -4.28 -3.10
N VAL A 52 -17.17 -5.09 -3.19
CA VAL A 52 -17.31 -6.52 -2.93
C VAL A 52 -16.69 -6.91 -1.58
N PRO A 53 -17.44 -7.68 -0.77
CA PRO A 53 -16.97 -8.13 0.54
C PRO A 53 -15.51 -8.57 0.53
N LEU A 54 -14.87 -8.50 1.69
CA LEU A 54 -13.47 -8.90 1.82
C LEU A 54 -13.39 -10.41 1.77
N LEU A 55 -14.49 -11.06 2.12
CA LEU A 55 -14.60 -12.51 2.09
C LEU A 55 -16.07 -12.87 1.85
N ALA A 56 -16.28 -14.01 1.24
CA ALA A 56 -17.62 -14.50 0.95
C ALA A 56 -17.53 -15.90 0.36
N GLY A 57 -18.59 -16.67 0.51
CA GLY A 57 -18.59 -18.02 -0.03
C GLY A 57 -17.36 -18.81 0.38
N GLU A 58 -16.96 -19.73 -0.49
CA GLU A 58 -15.80 -20.59 -0.25
C GLU A 58 -14.62 -19.92 0.44
N GLU A 59 -14.28 -18.71 0.00
CA GLU A 59 -13.15 -17.98 0.58
C GLU A 59 -13.20 -17.95 2.10
N LEU A 60 -14.33 -17.51 2.62
CA LEU A 60 -14.50 -17.42 4.07
C LEU A 60 -14.44 -18.81 4.69
N SER A 62 -13.81 -20.67 8.73
CA SER A 62 -13.59 -20.53 10.17
C SER A 62 -12.11 -20.42 10.50
N GLY A 63 -11.79 -19.53 11.42
CA GLY A 63 -10.41 -19.31 11.81
C GLY A 63 -10.23 -17.85 12.14
N GLU A 64 -9.02 -17.48 12.51
CA GLU A 64 -8.75 -16.09 12.84
C GLU A 64 -8.23 -15.29 11.66
N TYR A 65 -8.63 -14.03 11.60
CA TYR A 65 -8.19 -13.12 10.55
C TYR A 65 -7.76 -11.81 11.17
N VAL A 66 -7.02 -11.03 10.39
CA VAL A 66 -6.55 -9.71 10.82
C VAL A 66 -6.79 -8.72 9.70
N GLU A 68 -5.76 -4.79 8.38
CA GLU A 68 -4.90 -3.65 8.57
C GLU A 68 -5.52 -2.42 7.93
N PHE A 69 -6.10 -1.58 8.78
CA PHE A 69 -6.72 -0.33 8.34
C PHE A 69 -5.58 0.66 8.34
N HIS A 70 -5.39 1.33 7.22
CA HIS A 70 -4.30 2.28 7.14
C HIS A 70 -4.68 3.68 7.58
N ALA A 71 -5.02 3.78 8.85
CA ALA A 71 -5.42 5.04 9.45
C ALA A 71 -4.39 6.14 9.31
N GLY A 72 -3.12 5.78 9.51
CA GLY A 72 -2.07 6.77 9.43
C GLY A 72 -2.11 7.63 8.17
N ASP A 73 -2.07 6.96 7.03
CA ASP A 73 -2.09 7.62 5.74
C ASP A 73 -3.39 8.38 5.51
N TYR A 74 -4.50 7.83 6.00
CA TYR A 74 -5.77 8.51 5.82
C TYR A 74 -5.74 9.88 6.45
N PHE A 75 -5.41 9.95 7.72
CA PHE A 75 -5.38 11.22 8.41
C PHE A 75 -4.28 12.11 7.86
N ALA A 76 -3.24 11.49 7.31
CA ALA A 76 -2.15 12.26 6.75
C ALA A 76 -2.67 13.09 5.57
N SER A 77 -3.49 12.46 4.74
CA SER A 77 -4.04 13.15 3.59
C SER A 77 -4.95 14.30 3.97
N LYS A 78 -5.35 14.37 5.24
CA LYS A 78 -6.24 15.42 5.71
C LYS A 78 -5.51 16.54 6.45
N ASN A 79 -4.60 16.16 7.35
CA ASN A 79 -3.84 17.13 8.12
C ASN A 79 -2.56 17.57 7.38
N ALA A 82 -1.98 12.10 11.52
CA ALA A 82 -2.17 13.54 11.70
C ALA A 82 -0.87 14.30 11.99
N ALA A 83 0.24 13.56 12.06
CA ALA A 83 1.57 14.16 12.31
C ALA A 83 2.64 13.49 11.43
N ASP A 84 3.91 13.76 11.73
CA ASP A 84 5.01 13.17 10.96
C ASP A 84 5.46 11.82 11.53
N GLN A 85 4.82 11.43 12.63
CA GLN A 85 5.05 10.16 13.31
C GLN A 85 3.79 9.93 14.15
N PRO A 86 2.67 9.67 13.46
CA PRO A 86 1.34 9.42 14.03
C PRO A 86 1.24 8.32 15.06
N PHE A 87 0.45 8.58 16.09
CA PHE A 87 0.20 7.64 17.16
C PHE A 87 -0.37 6.39 16.49
N LEU A 88 -1.44 6.59 15.75
CA LEU A 88 -2.06 5.48 15.04
C LEU A 88 -1.51 5.46 13.64
N THR A 89 -0.81 4.39 13.31
CA THR A 89 -0.24 4.26 11.98
C THR A 89 -1.14 3.28 11.22
N ILE A 90 -0.98 1.99 11.51
CA ILE A 90 -1.81 0.97 10.88
C ILE A 90 -2.61 0.32 11.98
N VAL A 91 -3.89 0.68 12.08
CA VAL A 91 -4.75 0.10 13.08
C VAL A 91 -5.03 -1.33 12.69
N THR A 92 -4.62 -2.24 13.58
CA THR A 92 -4.78 -3.65 13.33
C THR A 92 -5.92 -4.30 14.13
N VAL A 93 -6.64 -5.21 13.49
CA VAL A 93 -7.75 -5.87 14.15
C VAL A 93 -7.79 -7.38 13.93
N ARG A 94 -7.69 -8.14 15.01
CA ARG A 94 -7.72 -9.60 14.94
C ARG A 94 -9.07 -10.05 15.44
N PHE A 95 -9.61 -11.09 14.80
CA PHE A 95 -10.91 -11.62 15.22
C PHE A 95 -11.03 -13.01 14.65
N GLN A 96 -12.02 -13.76 15.11
CA GLN A 96 -12.20 -15.12 14.64
C GLN A 96 -13.59 -15.43 14.14
N LEU A 97 -13.68 -15.79 12.87
CA LEU A 97 -14.96 -16.14 12.27
C LEU A 97 -15.17 -17.61 12.54
N ALA A 98 -16.19 -17.92 13.33
CA ALA A 98 -16.48 -19.31 13.68
C ALA A 98 -17.36 -20.02 12.66
N ASP A 99 -18.53 -19.46 12.37
CA ASP A 99 -19.46 -20.05 11.41
C ASP A 99 -19.14 -19.63 9.98
N PRO A 100 -18.72 -20.58 9.13
CA PRO A 100 -18.38 -20.29 7.73
C PRO A 100 -19.53 -19.77 6.87
N ASP A 101 -20.76 -19.86 7.36
CA ASP A 101 -21.92 -19.42 6.59
C ASP A 101 -22.57 -18.16 7.12
N ALA A 102 -22.13 -17.70 8.28
CA ALA A 102 -22.71 -16.51 8.87
C ALA A 102 -22.18 -15.21 8.28
N HIS A 103 -22.89 -14.12 8.50
CA HIS A 103 -22.46 -12.82 8.00
C HIS A 103 -21.73 -12.09 9.13
N TYR A 104 -20.72 -11.32 8.76
CA TYR A 104 -19.93 -10.59 9.74
C TYR A 104 -19.63 -9.18 9.28
N HIS A 105 -20.27 -8.21 9.92
N HIS A 105 -20.28 -8.21 9.90
CA HIS A 105 -20.06 -6.82 9.58
CA HIS A 105 -20.05 -6.82 9.55
C HIS A 105 -19.26 -6.23 10.73
C HIS A 105 -19.27 -6.20 10.72
N ILE A 106 -17.99 -5.93 10.48
CA ILE A 106 -17.11 -5.38 11.50
C ILE A 106 -16.61 -3.99 11.16
N PRO A 107 -17.41 -2.96 11.50
CA PRO A 107 -17.06 -1.57 11.23
C PRO A 107 -15.91 -1.07 12.10
N LEU A 108 -15.34 0.05 11.69
CA LEU A 108 -14.27 0.64 12.45
C LEU A 108 -14.61 2.11 12.65
N LEU A 109 -14.83 2.52 13.89
CA LEU A 109 -15.11 3.92 14.18
C LEU A 109 -13.73 4.45 14.47
N LEU A 110 -13.29 5.43 13.69
CA LEU A 110 -11.93 5.93 13.84
C LEU A 110 -11.72 7.40 14.20
N SER A 111 -10.74 7.62 15.06
CA SER A 111 -10.38 8.95 15.50
C SER A 111 -8.85 8.96 15.55
N PRO A 112 -8.23 10.13 15.42
CA PRO A 112 -6.76 10.18 15.46
C PRO A 112 -6.13 9.58 16.70
N PHE A 113 -6.89 9.44 17.77
CA PHE A 113 -6.35 8.88 18.99
C PHE A 113 -7.18 7.81 19.63
N GLY A 114 -8.05 7.19 18.84
CA GLY A 114 -8.87 6.14 19.41
C GLY A 114 -9.76 5.54 18.36
N TYR A 115 -10.23 4.34 18.60
CA TYR A 115 -11.09 3.70 17.65
C TYR A 115 -11.95 2.65 18.29
N GLN A 116 -13.11 2.44 17.67
CA GLN A 116 -14.07 1.48 18.15
C GLN A 116 -14.11 0.34 17.16
N VAL A 117 -13.97 -0.87 17.67
CA VAL A 117 -14.05 -2.06 16.81
C VAL A 117 -15.26 -2.85 17.32
N TYR A 118 -16.19 -3.15 16.44
CA TYR A 118 -17.37 -3.88 16.87
C TYR A 118 -17.99 -4.72 15.77
N ARG A 119 -18.90 -5.60 16.19
CA ARG A 119 -19.62 -6.48 15.29
C ARG A 119 -21.00 -5.89 15.11
N GLY A 120 -21.20 -5.21 13.99
CA GLY A 120 -22.48 -4.60 13.70
C GLY A 120 -23.33 -5.64 13.01
N SER A 121 -23.99 -5.26 11.92
CA SER A 121 -24.82 -6.20 11.18
C SER A 121 -25.39 -5.56 9.92
N GLY B 9 30.34 4.29 -7.97
CA GLY B 9 29.06 3.91 -8.54
C GLY B 9 27.84 4.38 -7.78
N LYS B 10 26.72 4.53 -8.48
CA LYS B 10 25.47 4.97 -7.86
C LYS B 10 24.26 4.35 -8.54
N LEU B 11 23.15 4.26 -7.81
CA LEU B 11 21.91 3.70 -8.33
C LEU B 11 20.82 4.76 -8.35
N THR B 12 20.16 4.91 -9.49
CA THR B 12 19.08 5.90 -9.62
C THR B 12 17.87 5.32 -10.34
N THR B 13 16.74 5.98 -10.16
CA THR B 13 15.51 5.53 -10.78
C THR B 13 14.75 6.72 -11.36
N HIS B 14 13.60 6.44 -11.96
CA HIS B 14 12.77 7.47 -12.58
C HIS B 14 11.42 6.84 -12.83
N ILE B 15 10.38 7.39 -12.21
CA ILE B 15 9.05 6.85 -12.41
C ILE B 15 8.19 7.75 -13.27
N LEU B 16 7.71 7.19 -14.38
CA LEU B 16 6.86 7.91 -15.31
C LEU B 16 5.43 7.38 -15.24
N ASP B 17 4.48 8.28 -15.00
CA ASP B 17 3.09 7.87 -14.93
C ASP B 17 2.51 7.74 -16.34
N LEU B 18 2.17 6.52 -16.73
CA LEU B 18 1.63 6.30 -18.06
C LEU B 18 0.26 6.92 -18.25
N THR B 19 -0.62 6.82 -17.27
CA THR B 19 -1.95 7.39 -17.45
C THR B 19 -1.89 8.80 -17.99
N CYS B 20 -0.92 9.59 -17.53
CA CYS B 20 -0.86 10.96 -18.00
C CYS B 20 0.46 11.47 -18.54
N GLY B 21 1.34 10.56 -18.95
CA GLY B 21 2.62 10.98 -19.49
C GLY B 21 3.37 12.06 -18.72
N LYS B 22 3.27 12.01 -17.39
CA LYS B 22 3.99 12.97 -16.56
C LYS B 22 4.86 12.20 -15.58
N PRO B 23 5.84 12.86 -14.98
CA PRO B 23 6.71 12.15 -14.03
C PRO B 23 5.89 11.75 -12.82
N ALA B 24 6.07 10.53 -12.33
CA ALA B 24 5.31 10.09 -11.17
C ALA B 24 5.86 10.81 -9.94
N ALA B 25 5.00 11.61 -9.31
CA ALA B 25 5.39 12.39 -8.14
C ALA B 25 4.83 11.79 -6.86
N ASN B 26 5.71 11.66 -5.87
CA ASN B 26 5.38 11.10 -4.58
C ASN B 26 5.01 9.62 -4.62
N VAL B 27 5.91 8.85 -5.21
CA VAL B 27 5.76 7.41 -5.31
C VAL B 27 6.68 6.85 -4.23
N LYS B 28 6.14 5.98 -3.40
CA LYS B 28 6.90 5.39 -2.30
C LYS B 28 7.75 4.24 -2.77
N ILE B 29 9.06 4.38 -2.64
CA ILE B 29 9.97 3.35 -3.07
C ILE B 29 10.71 2.71 -1.92
N GLY B 30 10.45 1.42 -1.67
CA GLY B 30 11.14 0.72 -0.61
C GLY B 30 12.34 0.00 -1.22
N LEU B 31 13.48 0.01 -0.53
CA LEU B 31 14.67 -0.66 -1.05
C LEU B 31 15.39 -1.60 -0.07
N LYS B 32 15.88 -2.73 -0.59
CA LYS B 32 16.60 -3.69 0.24
C LYS B 32 17.28 -4.80 -0.56
N ARG B 33 18.37 -5.31 0.01
CA ARG B 33 19.14 -6.40 -0.58
C ARG B 33 18.26 -7.64 -0.45
N LEU B 34 18.20 -8.44 -1.49
CA LEU B 34 17.36 -9.63 -1.44
C LEU B 34 17.45 -10.29 -0.08
N GLY B 35 16.30 -10.60 0.50
CA GLY B 35 16.28 -11.26 1.79
C GLY B 35 16.17 -10.27 2.94
N GLU B 36 17.23 -9.51 3.19
CA GLU B 36 17.23 -8.54 4.26
C GLU B 36 15.98 -7.67 4.20
N SER B 37 15.74 -6.88 5.23
CA SER B 37 14.56 -6.02 5.26
C SER B 37 14.86 -4.61 4.79
N ILE B 38 13.80 -3.90 4.41
CA ILE B 38 13.91 -2.55 3.90
C ILE B 38 14.94 -1.74 4.67
N LYS B 40 15.88 1.28 3.37
CA LYS B 40 15.64 2.65 2.97
C LYS B 40 14.27 2.76 2.33
N GLU B 41 13.57 3.83 2.64
CA GLU B 41 12.23 4.06 2.14
C GLU B 41 12.23 5.52 1.67
N VAL B 42 11.99 5.76 0.38
CA VAL B 42 11.96 7.13 -0.13
C VAL B 42 10.77 7.40 -1.05
N TYR B 43 10.53 8.67 -1.34
CA TYR B 43 9.43 9.07 -2.21
C TYR B 43 9.95 9.87 -3.40
N THR B 44 9.32 9.67 -4.55
CA THR B 44 9.71 10.37 -5.76
C THR B 44 9.28 11.82 -5.74
N ASN B 45 10.14 12.69 -6.25
CA ASN B 45 9.83 14.10 -6.31
C ASN B 45 8.91 14.34 -7.51
N ASN B 46 8.68 15.61 -7.83
CA ASN B 46 7.82 15.97 -8.93
C ASN B 46 8.40 15.65 -10.31
N ASP B 47 9.71 15.47 -10.37
CA ASP B 47 10.37 15.15 -11.62
C ASP B 47 10.38 13.63 -11.81
N GLY B 48 9.61 12.94 -10.97
CA GLY B 48 9.52 11.49 -11.05
C GLY B 48 10.81 10.80 -10.68
N ARG B 49 11.64 11.48 -9.91
CA ARG B 49 12.94 10.94 -9.49
C ARG B 49 13.13 10.98 -7.98
N VAL B 50 14.36 10.70 -7.59
CA VAL B 50 14.77 10.71 -6.19
C VAL B 50 16.05 11.53 -6.12
N ASP B 51 15.97 12.73 -5.55
CA ASP B 51 17.11 13.64 -5.43
C ASP B 51 18.40 12.95 -5.02
N VAL B 52 18.41 12.42 -3.80
CA VAL B 52 19.57 11.72 -3.28
C VAL B 52 19.53 10.29 -3.83
N PRO B 53 20.58 9.88 -4.56
CA PRO B 53 20.64 8.54 -5.15
C PRO B 53 20.17 7.46 -4.18
N LEU B 54 19.65 6.36 -4.72
CA LEU B 54 19.19 5.28 -3.87
C LEU B 54 20.39 4.63 -3.19
N LEU B 55 21.47 4.47 -3.94
CA LEU B 55 22.70 3.88 -3.42
C LEU B 55 23.88 4.54 -4.13
N ALA B 56 25.04 4.56 -3.48
CA ALA B 56 26.22 5.17 -4.09
C ALA B 56 27.54 4.79 -3.43
N GLY B 57 28.63 5.28 -4.02
CA GLY B 57 29.96 5.02 -3.52
C GLY B 57 30.13 3.65 -2.92
N GLU B 58 30.41 3.61 -1.62
CA GLU B 58 30.58 2.34 -0.93
C GLU B 58 29.22 1.72 -0.60
N GLU B 59 28.22 2.57 -0.40
CA GLU B 59 26.88 2.08 -0.11
C GLU B 59 26.37 1.10 -1.17
N LEU B 60 26.93 1.19 -2.38
CA LEU B 60 26.52 0.29 -3.46
C LEU B 60 27.44 -0.92 -3.45
N SER B 62 28.10 -4.93 -4.80
CA SER B 62 27.75 -5.91 -5.82
C SER B 62 26.80 -6.94 -5.23
N GLY B 63 25.65 -7.15 -5.88
CA GLY B 63 24.70 -8.13 -5.37
C GLY B 63 23.25 -7.93 -5.79
N GLU B 64 22.40 -8.87 -5.37
CA GLU B 64 20.99 -8.81 -5.71
C GLU B 64 20.19 -7.93 -4.74
N TYR B 65 19.31 -7.10 -5.30
CA TYR B 65 18.48 -6.21 -4.51
C TYR B 65 17.06 -6.27 -5.01
N VAL B 66 16.16 -5.65 -4.25
CA VAL B 66 14.75 -5.59 -4.60
C VAL B 66 14.18 -4.26 -4.16
N GLU B 68 10.74 -1.85 -3.94
CA GLU B 68 9.29 -1.91 -3.98
C GLU B 68 8.65 -0.55 -4.26
N PHE B 69 7.74 -0.55 -5.24
CA PHE B 69 7.02 0.66 -5.64
C PHE B 69 5.60 0.53 -5.16
N HIS B 70 5.14 1.48 -4.34
CA HIS B 70 3.79 1.44 -3.83
C HIS B 70 2.82 2.09 -4.81
N ALA B 71 2.79 1.55 -6.02
CA ALA B 71 1.92 2.08 -7.05
C ALA B 71 0.50 2.16 -6.53
N GLY B 72 0.07 1.12 -5.82
CA GLY B 72 -1.27 1.09 -5.27
C GLY B 72 -1.63 2.37 -4.54
N ASP B 73 -0.68 2.95 -3.84
CA ASP B 73 -0.95 4.18 -3.12
C ASP B 73 -0.94 5.36 -4.07
N TYR B 74 0.11 5.48 -4.87
CA TYR B 74 0.22 6.56 -5.83
C TYR B 74 -1.09 6.66 -6.60
N PHE B 75 -1.43 5.60 -7.33
CA PHE B 75 -2.67 5.63 -8.11
C PHE B 75 -3.92 5.90 -7.28
N ALA B 76 -4.02 5.30 -6.10
CA ALA B 76 -5.20 5.54 -5.26
C ALA B 76 -5.26 7.01 -4.85
N SER B 77 -4.10 7.57 -4.51
CA SER B 77 -4.01 8.97 -4.11
C SER B 77 -4.54 9.85 -5.23
N LYS B 78 -4.46 9.35 -6.46
CA LYS B 78 -4.94 10.07 -7.63
C LYS B 78 -6.25 9.48 -8.12
N ASN B 79 -6.83 8.59 -7.31
CA ASN B 79 -8.10 7.95 -7.66
C ASN B 79 -7.99 7.36 -9.07
N ASN B 81 -6.89 3.62 -9.25
CA ASN B 81 -6.95 2.17 -9.10
C ASN B 81 -8.01 1.49 -9.98
N ALA B 82 -9.01 2.26 -10.40
CA ALA B 82 -10.08 1.74 -11.25
C ALA B 82 -10.76 0.55 -10.59
N ALA B 83 -10.26 0.16 -9.42
CA ALA B 83 -10.80 -0.95 -8.66
C ALA B 83 -10.45 -0.79 -7.17
N ASP B 84 -11.30 -1.33 -6.30
CA ASP B 84 -11.06 -1.25 -4.87
C ASP B 84 -9.99 -2.27 -4.52
N GLN B 85 -9.85 -3.27 -5.39
CA GLN B 85 -8.85 -4.32 -5.21
C GLN B 85 -7.92 -4.18 -6.42
N PRO B 86 -7.13 -3.11 -6.45
CA PRO B 86 -6.17 -2.78 -7.51
C PRO B 86 -5.29 -3.94 -7.92
N PHE B 87 -5.49 -4.46 -9.13
CA PHE B 87 -4.68 -5.55 -9.67
C PHE B 87 -3.21 -5.38 -9.28
N LEU B 88 -2.77 -4.14 -9.14
CA LEU B 88 -1.39 -3.86 -8.78
C LEU B 88 -1.37 -3.03 -7.51
N THR B 89 -0.34 -3.23 -6.68
CA THR B 89 -0.18 -2.51 -5.41
C THR B 89 1.29 -2.22 -5.21
N ILE B 90 2.02 -3.20 -4.70
CA ILE B 90 3.45 -3.07 -4.50
C ILE B 90 4.14 -3.71 -5.68
N VAL B 91 4.67 -2.90 -6.58
CA VAL B 91 5.36 -3.43 -7.72
C VAL B 91 6.77 -3.70 -7.26
N THR B 92 7.14 -4.97 -7.23
CA THR B 92 8.47 -5.36 -6.80
C THR B 92 9.36 -5.70 -7.96
N VAL B 93 10.56 -5.13 -7.93
CA VAL B 93 11.53 -5.36 -8.97
C VAL B 93 12.84 -5.85 -8.36
N ARG B 94 13.14 -7.12 -8.63
CA ARG B 94 14.35 -7.74 -8.12
C ARG B 94 15.40 -7.72 -9.23
N PHE B 95 16.63 -7.30 -8.89
CA PHE B 95 17.72 -7.21 -9.86
C PHE B 95 19.08 -7.35 -9.19
N GLN B 96 20.09 -7.67 -9.97
CA GLN B 96 21.44 -7.84 -9.45
C GLN B 96 22.40 -6.80 -10.01
N LEU B 97 23.07 -6.09 -9.11
CA LEU B 97 24.03 -5.08 -9.51
C LEU B 97 25.42 -5.71 -9.53
N ALA B 98 25.98 -5.92 -10.71
CA ALA B 98 27.30 -6.54 -10.81
C ALA B 98 28.42 -5.60 -10.35
N ASP B 99 28.80 -4.64 -11.19
CA ASP B 99 29.86 -3.71 -10.85
C ASP B 99 29.44 -2.65 -9.84
N PRO B 100 30.03 -2.69 -8.62
CA PRO B 100 29.78 -1.78 -7.50
C PRO B 100 30.26 -0.37 -7.78
N ASP B 101 31.03 -0.24 -8.85
CA ASP B 101 31.58 1.03 -9.24
C ASP B 101 31.08 1.46 -10.61
N ALA B 102 29.82 1.15 -10.89
CA ALA B 102 29.19 1.51 -12.15
C ALA B 102 28.01 2.41 -11.84
N HIS B 103 27.33 2.89 -12.88
CA HIS B 103 26.16 3.74 -12.69
C HIS B 103 24.94 3.00 -13.23
N TYR B 104 23.97 2.76 -12.35
CA TYR B 104 22.76 2.05 -12.75
C TYR B 104 21.50 2.94 -12.63
N HIS B 105 20.93 3.30 -13.77
CA HIS B 105 19.72 4.09 -13.77
C HIS B 105 18.62 3.14 -14.22
N ILE B 106 17.59 2.97 -13.42
CA ILE B 106 16.50 2.06 -13.76
C ILE B 106 15.15 2.74 -13.91
N PRO B 107 14.76 3.04 -15.16
CA PRO B 107 13.47 3.69 -15.44
C PRO B 107 12.32 2.73 -15.20
N LEU B 108 11.20 3.26 -14.73
CA LEU B 108 10.02 2.45 -14.49
C LEU B 108 8.81 3.10 -15.13
N LEU B 109 8.27 2.47 -16.16
CA LEU B 109 7.08 2.98 -16.81
C LEU B 109 5.99 2.30 -16.01
N LEU B 110 5.23 3.10 -15.27
CA LEU B 110 4.18 2.57 -14.42
C LEU B 110 2.76 2.90 -14.87
N SER B 111 1.89 1.91 -14.73
CA SER B 111 0.48 2.02 -15.07
C SER B 111 -0.30 1.10 -14.15
N PRO B 112 -1.54 1.46 -13.85
CA PRO B 112 -2.37 0.64 -12.98
C PRO B 112 -2.53 -0.77 -13.51
N PHE B 113 -2.36 -0.94 -14.81
CA PHE B 113 -2.57 -2.26 -15.41
C PHE B 113 -1.32 -3.02 -15.83
N GLY B 114 -0.16 -2.44 -15.54
CA GLY B 114 1.08 -3.10 -15.89
C GLY B 114 2.21 -2.13 -15.73
N TYR B 115 3.41 -2.55 -16.10
CA TYR B 115 4.57 -1.68 -15.99
C TYR B 115 5.73 -2.27 -16.78
N GLN B 116 6.78 -1.47 -16.94
CA GLN B 116 7.99 -1.89 -17.64
C GLN B 116 9.20 -1.29 -16.96
N VAL B 117 10.18 -2.13 -16.66
CA VAL B 117 11.42 -1.70 -16.04
C VAL B 117 12.55 -2.22 -16.87
N TYR B 118 13.66 -1.52 -16.87
CA TYR B 118 14.81 -1.96 -17.63
C TYR B 118 16.02 -1.17 -17.15
N ARG B 119 17.21 -1.69 -17.43
CA ARG B 119 18.41 -0.98 -17.03
C ARG B 119 18.71 0.11 -18.04
N GLY B 120 19.06 1.29 -17.54
CA GLY B 120 19.39 2.40 -18.41
C GLY B 120 20.70 2.19 -19.14
N SER B 121 20.68 2.49 -20.44
CA SER B 121 21.86 2.32 -21.28
C SER B 121 22.75 3.56 -21.24
#